data_8X00
#
_entry.id   8X00
#
_cell.length_a   54.690
_cell.length_b   67.490
_cell.length_c   88.000
_cell.angle_alpha   90.000
_cell.angle_beta   90.000
_cell.angle_gamma   90.000
#
_symmetry.space_group_name_H-M   'P 21 21 21'
#
loop_
_entity.id
_entity.type
_entity.pdbx_description
1 polymer Glucanase
2 branched 2-acetamido-2-deoxy-beta-D-glucopyranose-(1-4)-2-acetamido-2-deoxy-beta-D-glucopyranose
3 water water
#
_entity_poly.entity_id   1
_entity_poly.type   'polypeptide(L)'
_entity_poly.pdbx_seq_one_letter_code
;SANNPWTGFQIFLSPYYANEVAAAAKQITDPTLSSKAASVANIPTFTWLDSVAKIPDLGTYLASASALGKSTGTKQLVQI
VIYDLPDRDCAAKASNGEFSIANNGQANYENYIDQIVAQIQQFPDVRVVAVIEPDSLANLVTNLNVQKCANAKTTYLASV
NYALTNLAKVGVYMYMDAGHAGWLGWPANLSPAAQLFTQVWQNAGKSPFIKGLATNVANYNALQAASPDPITQGNPNYDE
IHYINALAPLLQQAGWDATFIVDQGRSGVQNIRQQWGDWCNIKGAGFGTRPTTNTGSQFIDSIVWVKPGGES(OCS)GTS
NSSSPRYDSTCSLPDAAQPAPEAGTWFQAYFQTLVSAANPPL
;
_entity_poly.pdbx_strand_id   A
#
loop_
_chem_comp.id
_chem_comp.type
_chem_comp.name
_chem_comp.formula
NAG D-saccharide, beta linking 2-acetamido-2-deoxy-beta-D-glucopyranose 'C8 H15 N O6'
#
# COMPACT_ATOMS: atom_id res chain seq x y z
N SER A 1 -0.66 -11.22 16.62
CA SER A 1 -1.73 -11.53 17.58
C SER A 1 -2.32 -12.91 17.31
N ALA A 2 -3.40 -13.22 18.03
CA ALA A 2 -4.02 -14.53 17.91
C ALA A 2 -4.57 -14.76 16.51
N ASN A 3 -5.18 -13.73 15.92
CA ASN A 3 -5.86 -13.80 14.63
C ASN A 3 -4.99 -13.10 13.58
N ASN A 4 -4.14 -13.86 12.92
CA ASN A 4 -3.44 -13.37 11.73
C ASN A 4 -4.36 -13.58 10.52
N PRO A 5 -4.76 -12.51 9.82
CA PRO A 5 -5.75 -12.68 8.74
C PRO A 5 -5.33 -13.68 7.67
N TRP A 6 -4.03 -13.89 7.49
CA TRP A 6 -3.58 -14.76 6.42
C TRP A 6 -3.54 -16.24 6.79
N THR A 7 -3.47 -16.58 8.07
CA THR A 7 -3.30 -17.99 8.43
C THR A 7 -4.50 -18.81 8.00
N GLY A 8 -4.24 -19.93 7.32
CA GLY A 8 -5.33 -20.82 6.92
C GLY A 8 -6.04 -20.41 5.65
N PHE A 9 -5.51 -19.42 4.94
CA PHE A 9 -6.13 -18.93 3.71
C PHE A 9 -5.15 -19.06 2.56
N GLN A 10 -5.69 -19.20 1.37
CA GLN A 10 -4.91 -19.14 0.15
CA GLN A 10 -4.91 -19.14 0.14
C GLN A 10 -5.14 -17.79 -0.50
N ILE A 11 -4.06 -17.08 -0.82
CA ILE A 11 -4.22 -15.74 -1.39
C ILE A 11 -4.60 -15.86 -2.85
N PHE A 12 -5.69 -15.19 -3.24
CA PHE A 12 -6.06 -15.04 -4.65
C PHE A 12 -5.01 -14.22 -5.38
N LEU A 13 -4.45 -14.78 -6.46
CA LEU A 13 -3.45 -14.09 -7.25
C LEU A 13 -4.11 -13.13 -8.24
N SER A 14 -3.61 -11.90 -8.31
CA SER A 14 -4.23 -10.90 -9.17
C SER A 14 -4.18 -11.34 -10.62
N PRO A 15 -5.31 -11.50 -11.30
CA PRO A 15 -5.27 -11.81 -12.74
C PRO A 15 -4.79 -10.62 -13.56
N TYR A 16 -5.00 -9.40 -13.07
N TYR A 16 -5.05 -9.41 -13.06
CA TYR A 16 -4.54 -8.24 -13.80
CA TYR A 16 -4.59 -8.17 -13.67
C TYR A 16 -3.02 -8.17 -13.78
C TYR A 16 -3.06 -8.14 -13.74
N TYR A 17 -2.41 -8.31 -12.59
CA TYR A 17 -0.95 -8.36 -12.54
C TYR A 17 -0.43 -9.56 -13.30
N ALA A 18 -1.13 -10.71 -13.20
CA ALA A 18 -0.72 -11.90 -13.92
C ALA A 18 -0.69 -11.64 -15.42
N ASN A 19 -1.71 -10.95 -15.94
CA ASN A 19 -1.73 -10.62 -17.37
CA ASN A 19 -1.73 -10.60 -17.37
C ASN A 19 -0.59 -9.66 -17.73
N GLU A 20 -0.34 -8.65 -16.88
CA GLU A 20 0.77 -7.74 -17.12
C GLU A 20 2.10 -8.48 -17.13
N VAL A 21 2.29 -9.39 -16.18
CA VAL A 21 3.54 -10.12 -16.06
C VAL A 21 3.71 -11.10 -17.23
N ALA A 22 2.61 -11.74 -17.66
CA ALA A 22 2.71 -12.66 -18.78
C ALA A 22 3.10 -11.91 -20.05
N ALA A 23 2.45 -10.77 -20.30
CA ALA A 23 2.80 -9.96 -21.46
C ALA A 23 4.22 -9.44 -21.36
N ALA A 24 4.69 -9.18 -20.15
CA ALA A 24 6.05 -8.68 -19.97
C ALA A 24 7.08 -9.76 -20.17
N ALA A 25 6.83 -10.96 -19.65
CA ALA A 25 7.84 -12.03 -19.71
C ALA A 25 8.17 -12.41 -21.14
N LYS A 26 7.17 -12.44 -22.02
CA LYS A 26 7.44 -12.85 -23.40
C LYS A 26 8.17 -11.79 -24.20
N GLN A 27 8.27 -10.56 -23.69
CA GLN A 27 9.14 -9.56 -24.29
C GLN A 27 10.56 -9.61 -23.76
N ILE A 28 10.82 -10.41 -22.73
CA ILE A 28 12.17 -10.55 -22.20
C ILE A 28 12.88 -11.63 -22.99
N THR A 29 14.01 -11.26 -23.61
CA THR A 29 14.60 -12.10 -24.65
C THR A 29 15.43 -13.24 -24.08
N ASP A 30 16.20 -12.99 -23.02
CA ASP A 30 16.95 -14.05 -22.37
C ASP A 30 15.99 -15.11 -21.84
N PRO A 31 16.09 -16.37 -22.29
CA PRO A 31 15.04 -17.35 -21.98
C PRO A 31 14.99 -17.77 -20.52
N THR A 32 16.10 -17.72 -19.79
CA THR A 32 16.04 -18.03 -18.36
C THR A 32 15.54 -16.83 -17.57
N LEU A 33 15.93 -15.62 -17.97
CA LEU A 33 15.39 -14.44 -17.30
C LEU A 33 13.89 -14.33 -17.54
N SER A 34 13.45 -14.68 -18.76
CA SER A 34 12.04 -14.62 -19.09
C SER A 34 11.22 -15.58 -18.23
N SER A 35 11.73 -16.78 -17.98
CA SER A 35 10.98 -17.73 -17.16
C SER A 35 10.92 -17.28 -15.70
N LYS A 36 12.01 -16.68 -15.18
CA LYS A 36 11.98 -16.06 -13.86
C LYS A 36 10.91 -14.98 -13.80
N ALA A 37 10.84 -14.14 -14.84
CA ALA A 37 9.84 -13.08 -14.89
C ALA A 37 8.43 -13.65 -14.86
N ALA A 38 8.21 -14.74 -15.60
CA ALA A 38 6.85 -15.27 -15.67
C ALA A 38 6.39 -15.79 -14.33
N SER A 39 7.31 -16.30 -13.51
CA SER A 39 6.94 -16.87 -12.22
C SER A 39 6.46 -15.80 -11.25
N VAL A 40 6.73 -14.53 -11.56
CA VAL A 40 6.26 -13.43 -10.72
C VAL A 40 4.74 -13.37 -10.68
N ALA A 41 4.07 -13.90 -11.71
CA ALA A 41 2.61 -13.95 -11.67
C ALA A 41 2.09 -14.88 -10.58
N ASN A 42 2.95 -15.70 -10.00
CA ASN A 42 2.57 -16.60 -8.90
C ASN A 42 2.80 -15.97 -7.53
N ILE A 43 3.26 -14.73 -7.48
CA ILE A 43 3.56 -14.05 -6.22
C ILE A 43 2.41 -13.11 -5.89
N PRO A 44 1.77 -13.23 -4.74
CA PRO A 44 0.59 -12.41 -4.45
C PRO A 44 0.91 -10.94 -4.27
N THR A 45 0.07 -10.12 -4.89
CA THR A 45 0.16 -8.67 -4.83
C THR A 45 -1.20 -8.12 -4.45
N PHE A 46 -1.21 -6.84 -4.12
CA PHE A 46 -2.45 -6.14 -3.82
C PHE A 46 -3.01 -5.49 -5.08
N THR A 47 -4.32 -5.52 -5.20
CA THR A 47 -5.04 -4.87 -6.30
C THR A 47 -5.44 -3.47 -5.85
N TRP A 48 -5.04 -2.45 -6.61
CA TRP A 48 -5.30 -1.08 -6.22
C TRP A 48 -6.64 -0.61 -6.78
N LEU A 49 -7.55 -0.27 -5.88
CA LEU A 49 -8.83 0.34 -6.30
C LEU A 49 -8.63 1.85 -6.31
N ASP A 50 -7.85 2.33 -7.28
CA ASP A 50 -7.48 3.74 -7.33
CA ASP A 50 -7.49 3.74 -7.31
C ASP A 50 -8.52 4.61 -8.02
N SER A 51 -9.64 4.03 -8.44
CA SER A 51 -10.73 4.79 -9.05
C SER A 51 -12.00 3.94 -9.00
N VAL A 52 -13.15 4.60 -9.16
CA VAL A 52 -14.43 3.89 -9.23
CA VAL A 52 -14.40 3.84 -9.19
C VAL A 52 -14.43 2.88 -10.38
N ALA A 53 -13.69 3.18 -11.44
CA ALA A 53 -13.63 2.28 -12.57
C ALA A 53 -13.04 0.91 -12.22
N LYS A 54 -12.26 0.80 -11.14
CA LYS A 54 -11.69 -0.49 -10.76
CA LYS A 54 -11.69 -0.49 -10.77
C LYS A 54 -12.66 -1.35 -9.95
N ILE A 55 -13.80 -0.83 -9.54
CA ILE A 55 -14.69 -1.57 -8.64
C ILE A 55 -15.30 -2.78 -9.32
N PRO A 56 -15.69 -2.72 -10.61
CA PRO A 56 -16.15 -3.96 -11.26
C PRO A 56 -15.10 -5.06 -11.27
N ASP A 57 -13.82 -4.71 -11.42
CA ASP A 57 -12.76 -5.71 -11.31
C ASP A 57 -12.79 -6.38 -9.94
N LEU A 58 -12.96 -5.60 -8.86
CA LEU A 58 -13.07 -6.19 -7.53
C LEU A 58 -14.15 -7.26 -7.49
N GLY A 59 -15.31 -6.95 -8.06
CA GLY A 59 -16.38 -7.93 -8.11
C GLY A 59 -15.96 -9.23 -8.77
N THR A 60 -15.26 -9.14 -9.91
CA THR A 60 -14.84 -10.37 -10.57
C THR A 60 -13.81 -11.13 -9.75
N TYR A 61 -12.93 -10.42 -9.03
CA TYR A 61 -11.92 -11.11 -8.26
C TYR A 61 -12.54 -11.85 -7.09
N LEU A 62 -13.50 -11.22 -6.41
CA LEU A 62 -14.19 -11.88 -5.31
C LEU A 62 -14.94 -13.12 -5.78
N ALA A 63 -15.66 -13.00 -6.89
CA ALA A 63 -16.41 -14.13 -7.43
C ALA A 63 -15.47 -15.24 -7.89
N SER A 64 -14.35 -14.88 -8.53
CA SER A 64 -13.40 -15.90 -8.96
C SER A 64 -12.75 -16.59 -7.78
N ALA A 65 -12.35 -15.80 -6.78
CA ALA A 65 -11.78 -16.36 -5.56
C ALA A 65 -12.76 -17.33 -4.90
N SER A 66 -14.04 -16.95 -4.83
CA SER A 66 -15.04 -17.81 -4.22
C SER A 66 -15.12 -19.16 -4.93
N ALA A 67 -15.16 -19.13 -6.28
CA ALA A 67 -15.23 -20.38 -7.04
C ALA A 67 -13.93 -21.17 -6.92
N LEU A 68 -12.78 -20.50 -6.90
CA LEU A 68 -11.51 -21.21 -6.75
C LEU A 68 -11.45 -21.95 -5.42
N GLY A 69 -11.94 -21.32 -4.36
CA GLY A 69 -11.93 -21.95 -3.06
C GLY A 69 -12.77 -23.22 -3.04
N LYS A 70 -13.94 -23.17 -3.68
CA LYS A 70 -14.76 -24.38 -3.80
C LYS A 70 -14.10 -25.44 -4.69
N SER A 71 -13.44 -25.00 -5.77
CA SER A 71 -12.79 -25.95 -6.67
C SER A 71 -11.64 -26.68 -5.99
N THR A 72 -11.00 -26.07 -5.00
CA THR A 72 -9.78 -26.60 -4.40
C THR A 72 -9.91 -26.96 -2.92
N GLY A 73 -11.08 -26.78 -2.32
CA GLY A 73 -11.23 -27.04 -0.90
C GLY A 73 -10.51 -26.06 0.00
N THR A 74 -10.33 -24.81 -0.45
CA THR A 74 -9.59 -23.83 0.33
C THR A 74 -10.45 -22.61 0.65
N LYS A 75 -9.96 -21.83 1.60
CA LYS A 75 -10.53 -20.53 1.89
CA LYS A 75 -10.51 -20.52 1.93
C LYS A 75 -9.67 -19.47 1.23
N GLN A 76 -10.29 -18.61 0.43
CA GLN A 76 -9.52 -17.67 -0.36
C GLN A 76 -9.54 -16.26 0.24
N LEU A 77 -8.48 -15.51 -0.06
CA LEU A 77 -8.26 -14.17 0.46
CA LEU A 77 -8.26 -14.17 0.46
C LEU A 77 -7.87 -13.22 -0.66
N VAL A 78 -8.61 -12.12 -0.76
CA VAL A 78 -8.39 -11.09 -1.78
C VAL A 78 -7.75 -9.88 -1.12
N GLN A 79 -6.69 -9.36 -1.74
CA GLN A 79 -5.90 -8.24 -1.21
C GLN A 79 -6.17 -6.97 -2.02
N ILE A 80 -6.63 -5.90 -1.35
CA ILE A 80 -6.99 -4.67 -2.05
C ILE A 80 -6.38 -3.45 -1.37
N VAL A 81 -6.21 -2.38 -2.16
CA VAL A 81 -5.82 -1.07 -1.63
C VAL A 81 -6.98 -0.12 -1.89
N ILE A 82 -7.45 0.53 -0.83
CA ILE A 82 -8.43 1.62 -0.91
C ILE A 82 -7.64 2.89 -1.16
N TYR A 83 -7.80 3.50 -2.35
CA TYR A 83 -6.91 4.59 -2.73
C TYR A 83 -7.65 5.57 -3.65
N ASP A 84 -8.61 6.31 -3.08
CA ASP A 84 -9.33 7.28 -3.91
C ASP A 84 -9.81 8.50 -3.14
N LEU A 85 -9.06 8.94 -2.13
CA LEU A 85 -9.51 10.07 -1.34
C LEU A 85 -9.70 11.33 -2.21
N PRO A 86 -10.65 12.18 -1.86
CA PRO A 86 -10.72 13.49 -2.51
C PRO A 86 -9.47 14.30 -2.19
N ASP A 87 -8.98 15.05 -3.18
CA ASP A 87 -7.74 15.81 -3.03
C ASP A 87 -6.61 14.87 -2.60
N ARG A 88 -6.60 13.71 -3.24
CA ARG A 88 -5.63 12.67 -2.93
C ARG A 88 -4.20 13.18 -3.04
N ASP A 89 -3.32 12.64 -2.20
CA ASP A 89 -1.89 12.96 -2.25
C ASP A 89 -1.64 14.46 -2.12
N CYS A 90 -2.10 15.03 -1.00
CA CYS A 90 -2.18 16.47 -0.88
C CYS A 90 -0.81 17.14 -0.93
N ALA A 91 0.26 16.45 -0.52
CA ALA A 91 1.59 17.06 -0.53
C ALA A 91 2.35 16.81 -1.81
N ALA A 92 1.78 16.06 -2.76
CA ALA A 92 2.47 15.74 -3.98
C ALA A 92 2.40 16.91 -4.95
N LYS A 93 3.36 16.93 -5.87
CA LYS A 93 3.35 17.92 -6.94
C LYS A 93 2.20 17.69 -7.91
N ALA A 94 1.83 16.43 -8.13
CA ALA A 94 0.72 16.07 -8.99
C ALA A 94 -0.02 14.90 -8.37
N SER A 95 -1.34 14.87 -8.51
CA SER A 95 -2.12 13.69 -8.13
C SER A 95 -3.03 13.25 -9.28
N ASN A 96 -3.25 11.94 -9.34
CA ASN A 96 -4.14 11.31 -10.31
C ASN A 96 -5.51 10.98 -9.70
N GLY A 97 -5.81 11.45 -8.50
CA GLY A 97 -7.09 11.13 -7.89
C GLY A 97 -8.24 11.81 -8.63
N GLU A 98 -9.34 11.07 -8.81
CA GLU A 98 -10.45 11.57 -9.59
C GLU A 98 -11.39 12.48 -8.81
N PHE A 99 -11.31 12.49 -7.49
CA PHE A 99 -12.25 13.26 -6.68
C PHE A 99 -11.58 14.49 -6.08
N SER A 100 -12.34 15.58 -5.98
CA SER A 100 -11.85 16.81 -5.39
C SER A 100 -12.79 17.27 -4.28
N ILE A 101 -12.20 17.84 -3.23
CA ILE A 101 -13.01 18.30 -2.11
C ILE A 101 -14.00 19.36 -2.56
N ALA A 102 -13.59 20.20 -3.50
CA ALA A 102 -14.45 21.28 -4.02
C ALA A 102 -15.65 20.76 -4.81
N ASN A 103 -15.59 19.54 -5.33
N ASN A 103 -15.57 19.56 -5.37
CA ASN A 103 -16.66 18.98 -6.17
CA ASN A 103 -16.71 19.02 -6.12
C ASN A 103 -17.19 17.71 -5.50
C ASN A 103 -17.37 17.89 -5.35
N ASN A 104 -17.91 17.89 -4.38
N ASN A 104 -17.87 18.21 -4.16
CA ASN A 104 -18.61 16.80 -3.69
CA ASN A 104 -18.46 17.28 -3.19
C ASN A 104 -17.66 15.65 -3.37
C ASN A 104 -17.72 15.94 -3.19
N GLY A 105 -16.40 15.96 -3.06
N GLY A 105 -16.41 16.02 -2.96
CA GLY A 105 -15.40 14.91 -2.94
CA GLY A 105 -15.58 14.84 -3.02
C GLY A 105 -15.74 13.90 -1.86
C GLY A 105 -15.82 13.87 -1.88
N GLN A 106 -16.18 14.38 -0.70
CA GLN A 106 -16.50 13.47 0.39
C GLN A 106 -17.69 12.59 0.04
N ALA A 107 -18.76 13.18 -0.46
CA ALA A 107 -19.93 12.38 -0.84
C ALA A 107 -19.58 11.40 -1.96
N ASN A 108 -18.77 11.82 -2.93
CA ASN A 108 -18.37 10.92 -4.00
C ASN A 108 -17.54 9.76 -3.46
N TYR A 109 -16.68 10.04 -2.49
CA TYR A 109 -15.85 9.00 -1.90
C TYR A 109 -16.70 8.02 -1.11
N GLU A 110 -17.70 8.52 -0.38
N GLU A 110 -17.68 8.54 -0.36
CA GLU A 110 -18.57 7.62 0.36
CA GLU A 110 -18.63 7.69 0.35
C GLU A 110 -19.37 6.72 -0.58
C GLU A 110 -19.29 6.72 -0.62
N ASN A 111 -19.72 7.23 -1.77
CA ASN A 111 -20.36 6.38 -2.76
C ASN A 111 -19.39 5.32 -3.30
N TYR A 112 -18.13 5.70 -3.48
CA TYR A 112 -17.11 4.72 -3.88
C TYR A 112 -16.98 3.61 -2.84
N ILE A 113 -16.93 3.98 -1.55
CA ILE A 113 -16.88 2.97 -0.50
C ILE A 113 -18.14 2.11 -0.53
N ASP A 114 -19.31 2.74 -0.73
CA ASP A 114 -20.56 1.98 -0.76
C ASP A 114 -20.56 0.94 -1.86
N GLN A 115 -20.01 1.29 -3.03
CA GLN A 115 -19.98 0.34 -4.14
C GLN A 115 -19.04 -0.82 -3.84
N ILE A 116 -17.93 -0.54 -3.16
CA ILE A 116 -17.00 -1.59 -2.75
C ILE A 116 -17.66 -2.50 -1.71
N VAL A 117 -18.36 -1.91 -0.73
CA VAL A 117 -19.06 -2.68 0.30
C VAL A 117 -20.11 -3.58 -0.34
N ALA A 118 -20.83 -3.04 -1.33
CA ALA A 118 -21.89 -3.80 -1.96
C ALA A 118 -21.34 -5.01 -2.71
N GLN A 119 -20.13 -4.90 -3.26
CA GLN A 119 -19.50 -6.08 -3.85
C GLN A 119 -19.10 -7.08 -2.78
N ILE A 120 -18.38 -6.62 -1.74
CA ILE A 120 -17.84 -7.53 -0.74
C ILE A 120 -18.97 -8.29 -0.04
N GLN A 121 -20.09 -7.61 0.19
CA GLN A 121 -21.28 -8.17 0.85
C GLN A 121 -21.74 -9.46 0.20
N GLN A 122 -21.55 -9.59 -1.11
CA GLN A 122 -22.10 -10.70 -1.87
C GLN A 122 -21.25 -11.96 -1.77
N PHE A 123 -20.03 -11.89 -1.26
N PHE A 123 -20.08 -11.88 -1.15
CA PHE A 123 -19.12 -13.04 -1.24
CA PHE A 123 -19.14 -13.02 -1.05
C PHE A 123 -18.58 -13.26 0.17
C PHE A 123 -18.55 -13.07 0.35
N PRO A 124 -19.46 -13.57 1.12
N PRO A 124 -19.34 -13.46 1.35
CA PRO A 124 -19.01 -13.70 2.52
CA PRO A 124 -18.77 -13.64 2.70
C PRO A 124 -18.04 -14.85 2.75
C PRO A 124 -17.80 -14.81 2.80
N ASP A 125 -17.93 -15.80 1.83
N ASP A 125 -17.90 -15.78 1.89
CA ASP A 125 -16.97 -16.88 1.98
CA ASP A 125 -16.98 -16.91 1.89
C ASP A 125 -15.55 -16.50 1.59
C ASP A 125 -15.55 -16.51 1.54
N VAL A 126 -15.33 -15.28 1.07
CA VAL A 126 -14.01 -14.79 0.69
C VAL A 126 -13.56 -13.76 1.71
N ARG A 127 -12.36 -13.94 2.25
CA ARG A 127 -11.79 -12.95 3.15
C ARG A 127 -11.14 -11.83 2.36
N VAL A 128 -11.24 -10.61 2.88
CA VAL A 128 -10.65 -9.45 2.23
C VAL A 128 -9.70 -8.78 3.21
N VAL A 129 -8.51 -8.45 2.73
CA VAL A 129 -7.56 -7.61 3.47
C VAL A 129 -7.40 -6.33 2.67
N ALA A 130 -7.60 -5.19 3.32
CA ALA A 130 -7.49 -3.89 2.66
C ALA A 130 -6.42 -3.04 3.32
N VAL A 131 -5.57 -2.42 2.50
CA VAL A 131 -4.74 -1.30 2.94
C VAL A 131 -5.53 -0.03 2.72
N ILE A 132 -5.64 0.81 3.76
CA ILE A 132 -6.49 2.00 3.72
C ILE A 132 -5.63 3.22 3.41
N GLU A 133 -5.79 3.73 2.18
CA GLU A 133 -5.37 5.03 1.68
C GLU A 133 -3.90 5.37 1.92
N PRO A 134 -3.00 4.79 1.12
CA PRO A 134 -1.61 5.24 1.10
C PRO A 134 -1.53 6.74 0.90
N ASP A 135 -0.48 7.33 1.47
CA ASP A 135 -0.17 8.76 1.24
C ASP A 135 -1.34 9.66 1.66
N SER A 136 -1.97 9.34 2.81
CA SER A 136 -3.06 10.19 3.31
C SER A 136 -2.79 10.67 4.73
N LEU A 137 -3.13 9.85 5.73
CA LEU A 137 -3.01 10.27 7.12
C LEU A 137 -1.59 10.66 7.48
N ALA A 138 -0.58 10.01 6.90
CA ALA A 138 0.79 10.39 7.22
C ALA A 138 1.06 11.86 6.91
N ASN A 139 0.42 12.42 5.87
CA ASN A 139 0.53 13.85 5.60
C ASN A 139 -0.03 14.71 6.72
N LEU A 140 -1.01 14.19 7.45
CA LEU A 140 -1.61 14.97 8.53
C LEU A 140 -0.74 14.97 9.78
N VAL A 141 0.33 14.19 9.77
CA VAL A 141 1.33 14.29 10.84
C VAL A 141 2.37 15.34 10.51
N THR A 142 3.02 15.25 9.34
CA THR A 142 4.19 16.08 9.05
C THR A 142 3.98 17.19 8.04
N ASN A 143 2.85 17.20 7.33
N ASN A 143 2.93 17.15 7.22
CA ASN A 143 2.66 18.07 6.18
CA ASN A 143 2.84 18.11 6.12
C ASN A 143 1.51 19.06 6.39
C ASN A 143 1.54 18.91 6.15
N LEU A 144 1.20 19.40 7.65
N LEU A 144 1.08 19.28 7.35
CA LEU A 144 0.10 20.34 7.87
CA LEU A 144 -0.04 20.20 7.44
C LEU A 144 0.42 21.75 7.43
C LEU A 144 0.35 21.61 7.02
N ASN A 145 1.65 22.04 7.03
N ASN A 145 1.66 21.92 7.07
CA ASN A 145 1.98 23.35 6.46
CA ASN A 145 2.19 23.14 6.50
C ASN A 145 1.89 23.38 4.95
C ASN A 145 1.71 23.34 5.06
N VAL A 146 1.63 22.24 4.32
CA VAL A 146 1.16 22.23 2.93
C VAL A 146 -0.31 22.63 2.91
N GLN A 147 -0.62 23.74 2.23
CA GLN A 147 -1.98 24.24 2.34
CA GLN A 147 -1.99 24.26 2.30
C GLN A 147 -3.00 23.24 1.82
N LYS A 148 -2.68 22.48 0.77
CA LYS A 148 -3.63 21.48 0.28
C LYS A 148 -3.91 20.44 1.35
N CYS A 149 -2.90 20.11 2.16
CA CYS A 149 -3.10 19.12 3.22
C CYS A 149 -3.86 19.70 4.40
N ALA A 150 -3.52 20.92 4.81
CA ALA A 150 -4.30 21.58 5.84
C ALA A 150 -5.77 21.68 5.44
N ASN A 151 -6.02 22.04 4.17
CA ASN A 151 -7.40 22.16 3.69
C ASN A 151 -8.09 20.81 3.59
N ALA A 152 -7.34 19.73 3.41
CA ALA A 152 -7.92 18.41 3.25
C ALA A 152 -8.04 17.64 4.56
N LYS A 153 -7.48 18.16 5.66
CA LYS A 153 -7.39 17.38 6.89
C LYS A 153 -8.75 16.81 7.33
N THR A 154 -9.78 17.66 7.44
CA THR A 154 -11.06 17.15 7.93
C THR A 154 -11.66 16.13 6.97
N THR A 155 -11.42 16.30 5.66
CA THR A 155 -11.97 15.37 4.67
C THR A 155 -11.24 14.04 4.70
N TYR A 156 -9.91 14.07 4.76
CA TYR A 156 -9.18 12.82 4.93
C TYR A 156 -9.68 12.06 6.14
N LEU A 157 -9.82 12.75 7.27
CA LEU A 157 -10.24 12.09 8.51
C LEU A 157 -11.66 11.53 8.38
N ALA A 158 -12.58 12.33 7.84
CA ALA A 158 -13.96 11.87 7.68
C ALA A 158 -14.05 10.71 6.69
N SER A 159 -13.29 10.79 5.58
CA SER A 159 -13.42 9.78 4.54
C SER A 159 -12.76 8.47 4.96
N VAL A 160 -11.59 8.54 5.61
CA VAL A 160 -10.98 7.33 6.16
C VAL A 160 -11.89 6.71 7.21
N ASN A 161 -12.46 7.53 8.10
CA ASN A 161 -13.49 7.03 9.01
C ASN A 161 -14.60 6.27 8.31
N TYR A 162 -15.16 6.86 7.27
CA TYR A 162 -16.25 6.22 6.55
C TYR A 162 -15.79 4.88 5.99
N ALA A 163 -14.59 4.83 5.42
CA ALA A 163 -14.08 3.58 4.88
C ALA A 163 -13.93 2.53 5.97
N LEU A 164 -13.29 2.90 7.08
CA LEU A 164 -13.09 1.95 8.17
C LEU A 164 -14.41 1.45 8.73
N THR A 165 -15.32 2.38 9.03
CA THR A 165 -16.60 2.02 9.65
CA THR A 165 -16.56 1.97 9.69
C THR A 165 -17.41 1.10 8.77
N ASN A 166 -17.43 1.38 7.48
CA ASN A 166 -18.31 0.62 6.62
C ASN A 166 -17.70 -0.64 6.09
N LEU A 167 -16.38 -0.68 5.86
CA LEU A 167 -15.77 -1.96 5.49
C LEU A 167 -15.77 -2.91 6.68
N ALA A 168 -15.73 -2.38 7.90
CA ALA A 168 -15.81 -3.26 9.06
C ALA A 168 -17.15 -4.01 9.10
N LYS A 169 -18.22 -3.39 8.59
CA LYS A 169 -19.54 -4.00 8.64
C LYS A 169 -19.63 -5.26 7.79
N VAL A 170 -18.78 -5.38 6.78
CA VAL A 170 -18.70 -6.58 5.96
C VAL A 170 -17.42 -7.35 6.25
N GLY A 171 -16.78 -7.09 7.39
CA GLY A 171 -15.76 -7.99 7.92
C GLY A 171 -14.41 -7.92 7.26
N VAL A 172 -14.09 -6.80 6.63
CA VAL A 172 -12.80 -6.62 5.95
C VAL A 172 -11.71 -6.36 6.98
N TYR A 173 -10.61 -7.08 6.89
CA TYR A 173 -9.46 -6.84 7.75
C TYR A 173 -8.63 -5.68 7.19
N MET A 174 -8.39 -4.67 8.02
CA MET A 174 -7.88 -3.39 7.52
C MET A 174 -6.57 -3.00 8.17
N TYR A 175 -5.66 -2.46 7.36
CA TYR A 175 -4.41 -1.89 7.81
C TYR A 175 -4.35 -0.48 7.26
N MET A 176 -4.34 0.51 8.13
N MET A 176 -4.33 0.51 8.14
CA MET A 176 -4.26 1.89 7.66
CA MET A 176 -4.21 1.89 7.74
C MET A 176 -2.83 2.18 7.26
C MET A 176 -2.79 2.14 7.24
N ASP A 177 -2.67 2.85 6.12
CA ASP A 177 -1.33 3.23 5.68
C ASP A 177 -0.68 4.12 6.72
N ALA A 178 0.60 3.88 7.00
CA ALA A 178 1.30 4.64 8.02
C ALA A 178 2.69 5.04 7.55
N GLY A 179 2.83 5.33 6.25
CA GLY A 179 4.12 5.81 5.77
C GLY A 179 5.18 4.74 5.91
N HIS A 180 6.39 5.20 6.26
CA HIS A 180 7.55 4.32 6.36
C HIS A 180 8.50 4.93 7.39
N ALA A 181 9.61 4.24 7.64
CA ALA A 181 10.52 4.64 8.70
C ALA A 181 11.08 6.05 8.49
N GLY A 182 11.27 6.45 7.23
CA GLY A 182 11.80 7.76 6.86
C GLY A 182 10.78 8.86 6.88
N TRP A 183 9.53 8.52 7.13
CA TRP A 183 8.44 9.48 7.20
C TRP A 183 7.95 9.60 8.65
N LEU A 184 7.23 8.60 9.16
CA LEU A 184 6.75 8.65 10.53
C LEU A 184 7.67 7.96 11.53
N GLY A 185 8.73 7.29 11.07
CA GLY A 185 9.61 6.55 11.98
C GLY A 185 10.62 7.41 12.73
N TRP A 186 10.86 8.63 12.25
CA TRP A 186 11.64 9.58 13.01
C TRP A 186 11.14 9.62 14.46
N PRO A 187 12.02 9.45 15.46
CA PRO A 187 11.54 9.41 16.86
C PRO A 187 10.59 10.53 17.22
N ALA A 188 10.83 11.75 16.73
CA ALA A 188 9.96 12.86 17.05
C ALA A 188 8.58 12.77 16.40
N ASN A 189 8.42 11.96 15.36
CA ASN A 189 7.13 11.82 14.72
C ASN A 189 6.31 10.69 15.28
N LEU A 190 6.91 9.83 16.11
CA LEU A 190 6.25 8.63 16.59
C LEU A 190 5.01 8.95 17.43
N SER A 191 5.17 9.81 18.44
CA SER A 191 4.02 10.14 19.28
C SER A 191 2.91 10.86 18.51
N PRO A 192 3.17 11.91 17.69
CA PRO A 192 2.06 12.47 16.92
CA PRO A 192 2.04 12.48 16.94
C PRO A 192 1.40 11.47 15.99
N ALA A 193 2.18 10.57 15.40
CA ALA A 193 1.61 9.53 14.57
C ALA A 193 0.70 8.62 15.40
N ALA A 194 1.21 8.13 16.53
CA ALA A 194 0.40 7.26 17.39
C ALA A 194 -0.88 7.95 17.81
N GLN A 195 -0.79 9.23 18.16
CA GLN A 195 -1.97 9.97 18.61
CA GLN A 195 -1.97 9.96 18.60
C GLN A 195 -3.03 10.03 17.50
N LEU A 196 -2.60 10.33 16.26
CA LEU A 196 -3.52 10.43 15.14
C LEU A 196 -4.16 9.08 14.84
N PHE A 197 -3.34 8.03 14.71
CA PHE A 197 -3.89 6.73 14.31
C PHE A 197 -4.82 6.20 15.38
N THR A 198 -4.48 6.41 16.66
N THR A 198 -4.50 6.42 16.65
CA THR A 198 -5.37 5.98 17.74
CA THR A 198 -5.39 5.94 17.71
C THR A 198 -6.69 6.73 17.71
C THR A 198 -6.70 6.73 17.74
N GLN A 199 -6.64 8.04 17.47
CA GLN A 199 -7.89 8.81 17.38
CA GLN A 199 -7.88 8.82 17.38
C GLN A 199 -8.76 8.32 16.23
N VAL A 200 -8.14 7.96 15.10
CA VAL A 200 -8.89 7.43 13.97
C VAL A 200 -9.51 6.08 14.34
N TRP A 201 -8.73 5.24 15.02
CA TRP A 201 -9.24 3.95 15.47
C TRP A 201 -10.44 4.13 16.40
N GLN A 202 -10.34 5.08 17.33
CA GLN A 202 -11.43 5.38 18.26
C GLN A 202 -12.68 5.86 17.52
N ASN A 203 -12.50 6.81 16.59
CA ASN A 203 -13.63 7.35 15.86
C ASN A 203 -14.36 6.26 15.10
N ALA A 204 -13.65 5.25 14.61
CA ALA A 204 -14.26 4.13 13.90
C ALA A 204 -14.72 3.01 14.84
N GLY A 205 -14.80 3.28 16.14
CA GLY A 205 -15.39 2.35 17.06
C GLY A 205 -14.48 1.26 17.58
N LYS A 206 -13.17 1.35 17.35
CA LYS A 206 -12.21 0.37 17.83
C LYS A 206 -12.54 -1.04 17.30
N SER A 207 -13.07 -1.11 16.07
CA SER A 207 -13.49 -2.39 15.53
C SER A 207 -12.31 -3.36 15.50
N PRO A 208 -12.49 -4.60 15.95
CA PRO A 208 -11.41 -5.59 15.84
C PRO A 208 -10.93 -5.82 14.41
N PHE A 209 -11.74 -5.47 13.41
CA PHE A 209 -11.31 -5.58 12.02
C PHE A 209 -10.25 -4.56 11.64
N ILE A 210 -10.11 -3.49 12.41
CA ILE A 210 -9.02 -2.54 12.18
C ILE A 210 -7.79 -3.11 12.86
N LYS A 211 -7.04 -3.92 12.12
CA LYS A 211 -5.97 -4.71 12.71
C LYS A 211 -4.77 -3.86 13.10
N GLY A 212 -4.50 -2.80 12.36
CA GLY A 212 -3.29 -2.04 12.57
C GLY A 212 -2.90 -1.23 11.35
N LEU A 213 -1.62 -1.30 10.97
CA LEU A 213 -1.03 -0.34 10.05
C LEU A 213 -0.21 -1.06 8.99
N ALA A 214 -0.12 -0.44 7.82
CA ALA A 214 0.70 -0.90 6.71
C ALA A 214 1.84 0.08 6.53
N THR A 215 3.07 -0.43 6.37
CA THR A 215 4.21 0.45 6.17
C THR A 215 4.99 0.10 4.91
N ASN A 216 5.77 1.08 4.45
CA ASN A 216 6.64 0.98 3.28
C ASN A 216 5.86 0.74 1.98
N VAL A 217 4.55 1.06 1.97
CA VAL A 217 3.75 0.85 0.76
C VAL A 217 4.32 1.67 -0.39
N ALA A 218 4.62 0.99 -1.49
CA ALA A 218 5.15 1.63 -2.70
C ALA A 218 6.54 2.23 -2.46
N ASN A 219 7.20 1.87 -1.35
CA ASN A 219 8.51 2.42 -1.09
C ASN A 219 9.56 1.31 -1.19
N TYR A 220 10.75 1.57 -0.66
CA TYR A 220 11.92 0.75 -0.97
C TYR A 220 12.75 0.43 0.26
N ASN A 221 12.29 0.77 1.46
CA ASN A 221 13.06 0.57 2.68
C ASN A 221 13.28 -0.91 2.95
N ALA A 222 14.38 -1.22 3.63
CA ALA A 222 14.57 -2.56 4.16
C ALA A 222 13.62 -2.80 5.33
N LEU A 223 13.17 -4.05 5.46
CA LEU A 223 12.56 -4.43 6.72
C LEU A 223 13.61 -4.49 7.81
N GLN A 224 14.70 -5.20 7.57
CA GLN A 224 15.79 -5.29 8.54
C GLN A 224 17.09 -5.12 7.75
N ALA A 225 17.78 -4.00 7.98
CA ALA A 225 18.93 -3.62 7.19
C ALA A 225 20.21 -4.09 7.86
N ALA A 226 21.11 -4.71 7.07
CA ALA A 226 22.42 -5.11 7.58
C ALA A 226 23.20 -3.91 8.09
N SER A 227 23.18 -2.81 7.35
CA SER A 227 23.82 -1.57 7.72
C SER A 227 22.91 -0.45 7.23
N PRO A 228 22.83 0.65 7.97
CA PRO A 228 21.86 1.70 7.60
C PRO A 228 22.16 2.29 6.24
N ASP A 229 21.10 2.51 5.48
CA ASP A 229 21.20 3.21 4.22
C ASP A 229 21.69 4.63 4.48
N PRO A 230 22.70 5.11 3.76
CA PRO A 230 23.19 6.49 4.00
C PRO A 230 22.10 7.55 4.02
N ILE A 231 20.98 7.35 3.31
CA ILE A 231 19.92 8.34 3.30
C ILE A 231 19.28 8.50 4.67
N THR A 232 19.51 7.59 5.61
CA THR A 232 18.80 7.58 6.88
C THR A 232 19.53 8.33 8.00
N GLN A 233 20.63 9.03 7.70
CA GLN A 233 21.41 9.63 8.77
C GLN A 233 20.57 10.61 9.57
N GLY A 234 20.71 10.54 10.90
CA GLY A 234 19.90 11.31 11.82
C GLY A 234 18.72 10.57 12.40
N ASN A 235 18.28 9.49 11.75
CA ASN A 235 17.15 8.69 12.20
C ASN A 235 17.63 7.36 12.75
N PRO A 236 17.54 7.13 14.06
CA PRO A 236 17.93 5.81 14.59
C PRO A 236 17.04 4.70 14.09
N ASN A 237 15.86 5.03 13.56
CA ASN A 237 14.95 4.03 13.02
C ASN A 237 15.12 3.99 11.51
N TYR A 238 16.17 3.29 11.07
CA TYR A 238 16.64 3.34 9.69
C TYR A 238 16.04 2.25 8.82
N ASP A 239 15.17 1.42 9.37
CA ASP A 239 14.49 0.38 8.59
C ASP A 239 13.11 0.16 9.22
N GLU A 240 12.30 -0.68 8.55
CA GLU A 240 10.92 -0.75 8.99
C GLU A 240 10.79 -1.46 10.35
N ILE A 241 11.68 -2.43 10.64
CA ILE A 241 11.56 -3.13 11.92
C ILE A 241 11.82 -2.16 13.08
N HIS A 242 12.78 -1.23 12.91
CA HIS A 242 13.00 -0.24 13.96
C HIS A 242 11.76 0.64 14.14
N TYR A 243 11.18 1.09 13.02
CA TYR A 243 9.99 1.91 13.08
C TYR A 243 8.84 1.20 13.79
N ILE A 244 8.51 -0.02 13.34
CA ILE A 244 7.41 -0.76 13.94
C ILE A 244 7.69 -1.10 15.41
N ASN A 245 8.93 -1.49 15.72
CA ASN A 245 9.25 -1.77 17.13
C ASN A 245 9.04 -0.55 18.01
N ALA A 246 9.26 0.65 17.47
CA ALA A 246 9.08 1.86 18.26
C ALA A 246 7.63 2.34 18.30
N LEU A 247 6.86 2.15 17.20
CA LEU A 247 5.51 2.68 17.18
C LEU A 247 4.52 1.73 17.88
N ALA A 248 4.70 0.44 17.70
CA ALA A 248 3.70 -0.53 18.20
C ALA A 248 3.42 -0.38 19.70
N PRO A 249 4.42 -0.23 20.58
CA PRO A 249 4.10 -0.02 22.01
C PRO A 249 3.28 1.23 22.29
N LEU A 250 3.46 2.29 21.52
CA LEU A 250 2.67 3.50 21.74
C LEU A 250 1.20 3.24 21.45
N LEU A 251 0.93 2.45 20.41
CA LEU A 251 -0.45 2.09 20.12
C LEU A 251 -1.02 1.18 21.20
N GLN A 252 -0.22 0.21 21.66
CA GLN A 252 -0.67 -0.70 22.72
C GLN A 252 -1.04 0.06 23.98
N GLN A 253 -0.28 1.10 24.32
N GLN A 253 -0.20 1.00 24.40
CA GLN A 253 -0.58 1.89 25.52
CA GLN A 253 -0.53 1.81 25.58
C GLN A 253 -1.95 2.57 25.43
C GLN A 253 -1.64 2.81 25.29
N ALA A 254 -2.40 2.90 24.23
N ALA A 254 -2.28 2.70 24.12
CA ALA A 254 -3.71 3.53 24.03
CA ALA A 254 -3.51 3.39 23.80
C ALA A 254 -4.86 2.53 24.04
C ALA A 254 -4.65 2.39 23.57
N GLY A 255 -4.58 1.24 24.24
CA GLY A 255 -5.61 0.23 24.19
C GLY A 255 -5.73 -0.51 22.88
N TRP A 256 -4.85 -0.25 21.92
CA TRP A 256 -4.94 -0.84 20.59
C TRP A 256 -3.77 -1.79 20.37
N ASP A 257 -4.02 -3.09 20.42
CA ASP A 257 -3.00 -4.10 20.16
CA ASP A 257 -2.99 -4.09 20.16
C ASP A 257 -2.85 -4.24 18.65
N ALA A 258 -2.18 -3.26 18.07
CA ALA A 258 -2.12 -3.13 16.63
C ALA A 258 -1.01 -4.02 16.06
N THR A 259 -1.29 -4.64 14.92
CA THR A 259 -0.28 -5.37 14.19
C THR A 259 -0.09 -4.71 12.82
N PHE A 260 0.93 -5.17 12.11
CA PHE A 260 1.47 -4.46 10.97
C PHE A 260 1.63 -5.38 9.77
N ILE A 261 1.58 -4.78 8.57
CA ILE A 261 2.09 -5.45 7.38
C ILE A 261 3.08 -4.50 6.71
N VAL A 262 4.07 -5.07 6.01
CA VAL A 262 5.18 -4.30 5.46
C VAL A 262 5.35 -4.67 3.98
N ASP A 263 5.27 -3.68 3.11
CA ASP A 263 5.57 -3.87 1.70
C ASP A 263 7.06 -4.12 1.53
N GLN A 264 7.42 -5.20 0.84
CA GLN A 264 8.81 -5.43 0.45
C GLN A 264 8.95 -5.68 -1.04
N GLY A 265 7.91 -5.38 -1.82
CA GLY A 265 7.91 -5.73 -3.22
C GLY A 265 9.04 -5.12 -4.02
N ARG A 266 9.56 -3.97 -3.59
CA ARG A 266 10.65 -3.33 -4.32
C ARG A 266 11.78 -2.98 -3.37
N SER A 267 12.00 -3.85 -2.38
CA SER A 267 13.02 -3.62 -1.36
C SER A 267 14.24 -4.51 -1.53
N GLY A 268 14.35 -5.23 -2.65
CA GLY A 268 15.44 -6.18 -2.80
C GLY A 268 16.81 -5.55 -2.90
N VAL A 269 16.87 -4.31 -3.37
CA VAL A 269 18.14 -3.60 -3.52
C VAL A 269 18.08 -2.36 -2.64
N GLN A 270 19.02 -2.27 -1.71
CA GLN A 270 19.12 -1.13 -0.83
C GLN A 270 20.19 -0.18 -1.34
N ASN A 271 20.25 1.01 -0.72
CA ASN A 271 21.27 2.01 -1.03
C ASN A 271 21.22 2.42 -2.52
N ILE A 272 20.02 2.74 -3.01
CA ILE A 272 19.86 3.19 -4.40
C ILE A 272 19.29 4.59 -4.49
N ARG A 273 19.17 5.30 -3.36
CA ARG A 273 18.52 6.60 -3.36
C ARG A 273 19.51 7.67 -2.95
N GLN A 274 19.36 8.85 -3.56
CA GLN A 274 20.17 10.00 -3.18
CA GLN A 274 20.17 9.98 -3.17
C GLN A 274 19.63 10.64 -1.91
N GLN A 275 18.31 10.78 -1.80
N GLN A 275 18.31 10.77 -1.81
CA GLN A 275 17.66 11.31 -0.61
CA GLN A 275 17.66 11.27 -0.61
C GLN A 275 16.48 10.41 -0.24
C GLN A 275 16.58 10.28 -0.22
N TRP A 276 16.21 10.30 1.07
CA TRP A 276 15.18 9.38 1.55
C TRP A 276 13.80 9.72 1.01
N GLY A 277 13.51 11.01 0.80
CA GLY A 277 12.22 11.41 0.26
C GLY A 277 12.00 11.07 -1.21
N ASP A 278 13.04 10.61 -1.91
CA ASP A 278 12.91 10.26 -3.32
C ASP A 278 12.09 8.98 -3.45
N TRP A 279 10.94 9.06 -4.10
CA TRP A 279 10.04 7.91 -4.11
C TRP A 279 9.69 7.40 -5.50
N CYS A 280 9.93 8.17 -6.56
CA CYS A 280 9.33 7.85 -7.85
C CYS A 280 10.25 6.97 -8.71
N ASN A 281 9.77 5.78 -9.07
CA ASN A 281 10.44 4.86 -10.00
C ASN A 281 11.94 4.76 -9.72
N ILE A 282 12.30 4.47 -8.46
CA ILE A 282 13.71 4.55 -8.11
C ILE A 282 14.51 3.52 -8.90
N LYS A 283 15.57 4.01 -9.55
CA LYS A 283 16.31 3.22 -10.52
C LYS A 283 17.13 2.14 -9.82
N GLY A 284 17.11 0.94 -10.39
CA GLY A 284 17.86 -0.18 -9.86
C GLY A 284 17.12 -1.01 -8.84
N ALA A 285 15.88 -0.65 -8.50
CA ALA A 285 15.12 -1.44 -7.53
C ALA A 285 15.01 -2.90 -7.97
N GLY A 286 15.02 -3.79 -7.00
CA GLY A 286 14.80 -5.20 -7.27
C GLY A 286 13.64 -5.72 -6.43
N PHE A 287 12.95 -6.74 -6.96
CA PHE A 287 11.95 -7.45 -6.15
C PHE A 287 12.58 -7.93 -4.85
N GLY A 288 11.83 -7.76 -3.75
CA GLY A 288 12.34 -8.09 -2.44
C GLY A 288 11.75 -9.38 -1.88
N THR A 289 11.85 -9.52 -0.56
CA THR A 289 11.35 -10.69 0.14
C THR A 289 9.93 -11.02 -0.30
N ARG A 290 9.69 -12.28 -0.66
CA ARG A 290 8.36 -12.65 -1.10
CA ARG A 290 8.36 -12.68 -1.09
C ARG A 290 7.38 -12.61 0.08
N PRO A 291 6.10 -12.36 -0.19
CA PRO A 291 5.13 -12.27 0.90
C PRO A 291 5.15 -13.53 1.75
N THR A 292 5.02 -13.34 3.07
CA THR A 292 5.07 -14.45 4.02
C THR A 292 4.61 -13.96 5.38
N THR A 293 4.01 -14.86 6.16
CA THR A 293 3.73 -14.54 7.55
C THR A 293 4.89 -14.89 8.47
N ASN A 294 5.97 -15.43 7.91
CA ASN A 294 7.21 -15.67 8.66
CA ASN A 294 7.21 -15.67 8.65
C ASN A 294 8.00 -14.37 8.67
N THR A 295 7.57 -13.46 9.55
CA THR A 295 8.07 -12.10 9.63
C THR A 295 9.17 -11.91 10.65
N GLY A 296 9.32 -12.84 11.61
CA GLY A 296 10.27 -12.64 12.68
C GLY A 296 9.90 -11.59 13.70
N SER A 297 8.73 -10.97 13.62
CA SER A 297 8.35 -9.96 14.58
C SER A 297 6.97 -10.25 15.16
N GLN A 298 6.86 -10.09 16.48
CA GLN A 298 5.56 -10.20 17.13
CA GLN A 298 5.57 -10.18 17.16
C GLN A 298 4.55 -9.21 16.57
N PHE A 299 5.01 -8.09 16.00
CA PHE A 299 4.11 -7.03 15.59
C PHE A 299 3.66 -7.14 14.14
N ILE A 300 4.28 -8.00 13.33
CA ILE A 300 4.09 -7.97 11.88
C ILE A 300 3.36 -9.25 11.47
N ASP A 301 2.13 -9.08 11.01
CA ASP A 301 1.35 -10.22 10.52
C ASP A 301 1.91 -10.77 9.22
N SER A 302 2.36 -9.89 8.32
CA SER A 302 2.83 -10.37 7.03
C SER A 302 3.76 -9.37 6.37
N ILE A 303 4.80 -9.89 5.73
CA ILE A 303 5.46 -9.20 4.63
C ILE A 303 4.55 -9.35 3.40
N VAL A 304 4.37 -8.26 2.66
CA VAL A 304 3.41 -8.24 1.55
C VAL A 304 4.05 -7.54 0.36
N TRP A 305 3.41 -7.68 -0.80
CA TRP A 305 3.78 -6.89 -1.98
C TRP A 305 2.56 -6.05 -2.32
N VAL A 306 2.57 -4.78 -1.87
CA VAL A 306 1.39 -3.95 -2.04
C VAL A 306 1.48 -3.26 -3.39
N LYS A 307 2.50 -2.40 -3.59
CA LYS A 307 2.78 -1.82 -4.90
C LYS A 307 3.20 -2.92 -5.87
N PRO A 308 2.52 -3.09 -7.00
CA PRO A 308 2.91 -4.12 -7.97
C PRO A 308 4.07 -3.64 -8.83
N GLY A 309 5.25 -4.23 -8.61
CA GLY A 309 6.45 -3.85 -9.33
C GLY A 309 6.30 -3.96 -10.84
N GLY A 310 6.66 -2.90 -11.54
CA GLY A 310 6.51 -2.82 -12.98
C GLY A 310 5.47 -1.82 -13.43
N GLU A 311 4.52 -1.47 -12.59
CA GLU A 311 3.58 -0.40 -12.89
C GLU A 311 4.23 0.92 -12.51
N SER A 312 4.26 1.86 -13.45
CA SER A 312 4.97 3.11 -13.22
C SER A 312 4.33 3.89 -12.08
N OCS A 313 5.16 4.70 -11.42
CA OCS A 313 4.71 5.63 -10.37
CB OCS A 313 5.79 5.79 -9.33
SG OCS A 313 6.05 4.33 -8.34
C OCS A 313 4.36 7.00 -10.89
O OCS A 313 3.86 7.84 -10.15
OD1 OCS A 313 4.85 4.12 -7.55
OD2 OCS A 313 7.16 4.61 -7.49
OD3 OCS A 313 6.26 3.19 -9.16
N GLY A 314 4.68 7.26 -12.15
CA GLY A 314 4.52 8.58 -12.71
C GLY A 314 5.38 8.79 -13.93
N THR A 315 4.88 9.60 -14.86
CA THR A 315 5.66 9.92 -16.07
C THR A 315 6.85 10.80 -15.73
N SER A 316 7.92 10.67 -16.52
CA SER A 316 9.04 11.61 -16.45
C SER A 316 8.92 12.70 -17.49
N ASN A 317 7.81 12.72 -18.23
CA ASN A 317 7.57 13.67 -19.30
C ASN A 317 7.03 14.97 -18.71
N SER A 318 7.85 16.03 -18.76
CA SER A 318 7.48 17.27 -18.08
C SER A 318 6.37 18.03 -18.78
N SER A 319 5.90 17.53 -19.92
CA SER A 319 4.78 18.13 -20.62
C SER A 319 3.44 17.50 -20.28
N SER A 320 3.44 16.39 -19.54
CA SER A 320 2.19 15.72 -19.21
C SER A 320 1.38 16.54 -18.22
N PRO A 321 0.05 16.55 -18.34
CA PRO A 321 -0.77 17.22 -17.31
C PRO A 321 -0.54 16.67 -15.91
N ARG A 322 -0.07 15.44 -15.78
CA ARG A 322 0.06 14.78 -14.47
C ARG A 322 1.51 14.66 -14.02
N TYR A 323 2.41 15.45 -14.60
CA TYR A 323 3.83 15.32 -14.34
C TYR A 323 4.19 15.73 -12.92
N ASP A 324 4.93 14.86 -12.23
CA ASP A 324 5.50 15.12 -10.92
C ASP A 324 7.01 15.13 -11.10
N SER A 325 7.65 16.28 -10.85
CA SER A 325 9.07 16.41 -11.16
C SER A 325 9.96 15.50 -10.31
N THR A 326 9.42 14.89 -9.24
CA THR A 326 10.17 13.85 -8.54
C THR A 326 10.55 12.72 -9.48
N CYS A 327 9.74 12.49 -10.50
CA CYS A 327 9.95 11.39 -11.44
C CYS A 327 10.99 11.71 -12.51
N SER A 328 11.61 12.88 -12.46
CA SER A 328 12.72 13.21 -13.34
CA SER A 328 12.72 13.19 -13.34
C SER A 328 14.04 13.33 -12.60
N LEU A 329 14.06 13.04 -11.30
CA LEU A 329 15.28 13.15 -10.53
C LEU A 329 16.33 12.16 -11.07
N PRO A 330 17.62 12.45 -10.83
CA PRO A 330 18.67 11.53 -11.29
C PRO A 330 18.46 10.08 -10.85
N ASP A 331 17.98 9.82 -9.63
CA ASP A 331 17.78 8.45 -9.18
C ASP A 331 16.41 7.88 -9.58
N ALA A 332 15.68 8.56 -10.47
CA ALA A 332 14.44 8.05 -11.02
C ALA A 332 14.69 7.47 -12.40
N ALA A 333 14.20 6.25 -12.64
CA ALA A 333 14.35 5.61 -13.94
C ALA A 333 13.61 6.40 -15.01
N GLN A 334 14.27 6.68 -16.13
CA GLN A 334 13.71 7.50 -17.20
C GLN A 334 14.11 6.94 -18.55
N PRO A 335 13.29 7.16 -19.59
CA PRO A 335 11.96 7.76 -19.54
C PRO A 335 10.92 6.81 -18.95
N ALA A 336 9.97 7.38 -18.20
CA ALA A 336 8.96 6.59 -17.51
C ALA A 336 7.57 6.97 -18.02
N PRO A 337 6.67 6.01 -18.16
CA PRO A 337 5.32 6.28 -18.67
C PRO A 337 4.39 6.72 -17.54
N GLU A 338 3.13 6.92 -17.91
CA GLU A 338 2.17 7.51 -16.98
C GLU A 338 1.90 6.59 -15.81
N ALA A 339 1.60 7.18 -14.65
CA ALA A 339 1.35 6.41 -13.43
C ALA A 339 0.35 5.30 -13.69
N GLY A 340 0.72 4.09 -13.27
CA GLY A 340 -0.14 2.93 -13.38
C GLY A 340 0.06 2.12 -14.64
N THR A 341 0.54 2.74 -15.71
CA THR A 341 0.80 1.99 -16.94
C THR A 341 2.10 1.20 -16.81
N TRP A 342 2.21 0.17 -17.63
CA TRP A 342 3.33 -0.76 -17.52
C TRP A 342 4.63 -0.11 -17.96
N PHE A 343 5.69 -0.41 -17.21
CA PHE A 343 7.02 0.17 -17.38
C PHE A 343 7.96 -1.02 -17.57
N GLN A 344 8.10 -1.48 -18.82
CA GLN A 344 8.70 -2.78 -19.08
C GLN A 344 10.17 -2.83 -18.65
N ALA A 345 10.94 -1.80 -18.97
CA ALA A 345 12.36 -1.80 -18.60
C ALA A 345 12.52 -1.86 -17.08
N TYR A 346 11.67 -1.13 -16.35
CA TYR A 346 11.70 -1.18 -14.90
C TYR A 346 11.38 -2.58 -14.38
N PHE A 347 10.40 -3.24 -14.98
CA PHE A 347 10.07 -4.61 -14.59
C PHE A 347 11.24 -5.56 -14.82
N GLN A 348 11.90 -5.45 -15.99
CA GLN A 348 13.01 -6.35 -16.29
CA GLN A 348 13.00 -6.36 -16.28
C GLN A 348 14.12 -6.23 -15.25
N THR A 349 14.42 -5.00 -14.83
CA THR A 349 15.43 -4.81 -13.78
C THR A 349 14.94 -5.30 -12.43
N LEU A 350 13.66 -5.10 -12.11
CA LEU A 350 13.12 -5.69 -10.89
C LEU A 350 13.37 -7.19 -10.86
N VAL A 351 13.21 -7.84 -12.01
CA VAL A 351 13.41 -9.28 -12.08
C VAL A 351 14.89 -9.61 -11.97
N SER A 352 15.73 -8.91 -12.75
CA SER A 352 17.15 -9.21 -12.77
CA SER A 352 17.15 -9.21 -12.77
C SER A 352 17.80 -8.92 -11.43
N ALA A 353 17.36 -7.88 -10.74
CA ALA A 353 17.92 -7.49 -9.45
C ALA A 353 17.21 -8.11 -8.25
N ALA A 354 16.25 -9.02 -8.46
CA ALA A 354 15.49 -9.62 -7.37
C ALA A 354 16.41 -10.21 -6.30
N ASN A 355 16.11 -9.90 -5.05
CA ASN A 355 16.86 -10.43 -3.92
C ASN A 355 15.91 -10.72 -2.76
N PRO A 356 15.69 -12.00 -2.40
CA PRO A 356 16.26 -13.24 -2.95
C PRO A 356 15.98 -13.42 -4.44
N PRO A 357 16.85 -14.14 -5.13
CA PRO A 357 16.67 -14.32 -6.57
C PRO A 357 15.38 -15.07 -6.87
N LEU A 358 14.79 -14.79 -8.02
CA LEU A 358 13.57 -15.47 -8.43
C LEU A 358 13.90 -16.90 -8.87
C1 NAG B . 4.57 14.43 -23.13
C2 NAG B . 4.27 13.50 -24.28
C3 NAG B . 3.81 14.29 -25.44
C4 NAG B . 2.54 15.04 -25.11
C5 NAG B . 2.68 15.90 -23.84
C6 NAG B . 1.34 16.38 -23.34
C7 NAG B . 5.62 11.29 -24.35
C8 NAG B . 6.89 10.53 -24.70
N2 NAG B . 5.53 12.74 -24.63
O3 NAG B . 3.56 13.40 -26.55
O4 NAG B . 2.30 15.89 -26.23
O5 NAG B . 3.34 15.20 -22.72
O6 NAG B . 0.85 15.52 -22.34
O7 NAG B . 4.70 10.74 -23.85
C1 NAG B . 0.94 15.73 -26.71
C2 NAG B . 0.75 16.67 -27.87
C3 NAG B . -0.62 16.58 -28.44
C4 NAG B . -1.02 15.16 -28.76
C5 NAG B . -0.77 14.20 -27.59
C6 NAG B . -1.03 12.77 -28.05
C7 NAG B . 2.41 18.64 -27.42
C8 NAG B . 2.67 20.04 -26.89
N2 NAG B . 1.03 18.07 -27.37
O3 NAG B . -0.68 17.35 -29.67
O4 NAG B . -2.42 15.14 -29.08
O5 NAG B . 0.60 14.29 -27.09
O6 NAG B . 0.10 12.29 -28.74
O7 NAG B . 3.29 18.01 -27.88
#